data_2QIK
#
_entry.id   2QIK
#
_cell.length_a   38.577
_cell.length_b   62.131
_cell.length_c   55.527
_cell.angle_alpha   90.000
_cell.angle_beta   101.690
_cell.angle_gamma   90.000
#
_symmetry.space_group_name_H-M   'P 1 21 1'
#
loop_
_entity.id
_entity.type
_entity.pdbx_description
1 polymer 'UPF0131 protein ykqA'
2 non-polymer 'CITRIC ACID'
3 water water
#
_entity_poly.entity_id   1
_entity_poly.type   'polypeptide(L)'
_entity_poly.pdbx_seq_one_letter_code
;(MSE)NSLLFVYGTLRKHEKNHHLLAQSACINEQARTKGSLFAAKEGPTVVFNDEDEGYIYGEVYEADELCIHKLDQFFQ
GYHKQTVFVETDVGIKIALIYF(MSE)NKDGCAGFTKISSGDWKEHQ(MSE)ISKSKNPIYYFAYGSC(MSE)DNARFQK
AGVDHYFQDPVGRAVLKGYTTRFTLKREDGSRAD(MSE)LEDGGTTEGVLYRIPYSALSYLYKREGVESLTYRPAFVDVE
AGGRHYKDCLTFLVLQKEAEIAPPQHYQIEIERGAELYLSPEFTEKLKRH(MSE)NSLPKGLEHHHHHH
;
_entity_poly.pdbx_strand_id   A
#
# COMPACT_ATOMS: atom_id res chain seq x y z
N ASN A 2 3.58 -25.63 8.15
CA ASN A 2 2.89 -24.38 7.70
C ASN A 2 3.42 -24.04 6.35
N SER A 3 2.62 -23.34 5.60
CA SER A 3 3.01 -22.95 4.25
C SER A 3 2.75 -21.45 4.09
N LEU A 4 3.66 -20.75 3.44
CA LEU A 4 3.37 -19.41 2.99
C LEU A 4 2.35 -19.46 1.89
N LEU A 5 1.41 -18.52 1.95
CA LEU A 5 0.28 -18.42 1.04
C LEU A 5 0.10 -16.96 0.58
N PHE A 6 0.15 -16.77 -0.73
CA PHE A 6 -0.08 -15.45 -1.33
C PHE A 6 -1.51 -15.37 -1.80
N VAL A 7 -2.23 -14.35 -1.31
CA VAL A 7 -3.62 -14.14 -1.66
CA VAL A 7 -3.60 -14.15 -1.62
C VAL A 7 -3.78 -12.79 -2.34
N TYR A 8 -4.66 -12.78 -3.33
CA TYR A 8 -4.82 -11.63 -4.22
C TYR A 8 -6.27 -11.20 -4.45
N GLY A 9 -7.21 -12.01 -3.95
CA GLY A 9 -8.59 -11.78 -4.26
C GLY A 9 -9.48 -11.77 -3.03
N THR A 10 -10.46 -12.67 -3.04
CA THR A 10 -11.44 -12.76 -1.99
C THR A 10 -10.93 -13.20 -0.65
N LEU A 11 -9.70 -13.67 -0.58
CA LEU A 11 -9.01 -14.04 0.66
C LEU A 11 -8.22 -12.90 1.28
N ARG A 12 -8.04 -11.77 0.57
CA ARG A 12 -7.33 -10.67 1.15
C ARG A 12 -8.08 -10.11 2.38
N LYS A 13 -7.37 -9.40 3.22
CA LYS A 13 -7.96 -8.87 4.44
C LYS A 13 -9.17 -8.04 4.08
N HIS A 14 -10.22 -8.13 4.86
CA HIS A 14 -11.42 -7.37 4.67
C HIS A 14 -12.18 -7.70 3.39
N GLU A 15 -11.94 -8.87 2.83
CA GLU A 15 -12.73 -9.33 1.70
C GLU A 15 -13.58 -10.52 2.17
N LYS A 16 -14.59 -10.85 1.34
CA LYS A 16 -15.67 -11.73 1.78
C LYS A 16 -15.24 -13.10 2.21
N ASN A 17 -14.14 -13.63 1.70
CA ASN A 17 -13.67 -14.98 2.11
C ASN A 17 -12.51 -14.99 3.08
N HIS A 18 -12.12 -13.82 3.59
CA HIS A 18 -10.92 -13.77 4.41
C HIS A 18 -11.03 -14.61 5.66
N HIS A 19 -12.25 -14.78 6.18
CA HIS A 19 -12.45 -15.58 7.37
C HIS A 19 -11.95 -17.00 7.22
N LEU A 20 -11.87 -17.53 5.99
CA LEU A 20 -11.30 -18.84 5.78
C LEU A 20 -9.90 -19.03 6.21
N LEU A 21 -9.14 -17.92 6.24
CA LEU A 21 -7.77 -17.96 6.72
C LEU A 21 -7.74 -18.03 8.23
N ALA A 22 -8.85 -17.78 8.92
CA ALA A 22 -8.89 -17.89 10.38
C ALA A 22 -7.83 -17.01 10.97
N GLN A 23 -7.05 -17.53 11.92
CA GLN A 23 -6.03 -16.73 12.60
C GLN A 23 -4.66 -16.86 12.01
N SER A 24 -4.56 -17.28 10.73
CA SER A 24 -3.26 -17.27 10.03
C SER A 24 -2.57 -15.93 10.16
N ALA A 25 -1.29 -15.95 10.50
CA ALA A 25 -0.51 -14.75 10.67
C ALA A 25 -0.30 -14.08 9.31
N CYS A 26 -0.46 -12.76 9.26
CA CYS A 26 -0.10 -12.00 8.06
C CYS A 26 1.40 -11.69 8.14
N ILE A 27 2.16 -12.28 7.24
CA ILE A 27 3.58 -12.06 7.19
C ILE A 27 3.94 -10.76 6.39
N ASN A 28 3.22 -10.52 5.30
CA ASN A 28 3.40 -9.31 4.53
C ASN A 28 2.09 -8.80 4.03
N GLU A 29 1.82 -7.54 4.36
CA GLU A 29 0.69 -6.82 3.82
C GLU A 29 0.95 -6.31 2.41
N GLN A 30 2.21 -6.12 2.08
CA GLN A 30 2.58 -5.54 0.79
C GLN A 30 3.42 -6.61 0.08
N ALA A 31 2.93 -7.12 -1.04
CA ALA A 31 3.61 -8.22 -1.73
C ALA A 31 3.14 -8.27 -3.19
N ARG A 32 3.93 -8.87 -4.04
CA ARG A 32 3.56 -8.98 -5.46
C ARG A 32 4.27 -10.17 -6.08
N THR A 33 3.72 -10.58 -7.20
CA THR A 33 4.35 -11.59 -8.06
C THR A 33 4.08 -11.26 -9.51
N LYS A 34 5.02 -11.56 -10.39
CA LYS A 34 4.90 -11.23 -11.79
C LYS A 34 3.77 -12.09 -12.42
N GLY A 35 2.84 -11.42 -13.11
CA GLY A 35 1.68 -12.06 -13.65
C GLY A 35 0.58 -11.10 -13.88
N SER A 36 -0.59 -11.59 -14.33
CA SER A 36 -1.72 -10.73 -14.60
C SER A 36 -2.92 -11.17 -13.75
N LEU A 37 -3.71 -10.20 -13.37
CA LEU A 37 -4.96 -10.36 -12.61
C LEU A 37 -6.16 -10.07 -13.50
N PHE A 38 -7.16 -10.94 -13.42
CA PHE A 38 -8.37 -10.81 -14.22
C PHE A 38 -9.58 -10.89 -13.31
N ALA A 39 -10.60 -10.18 -13.69
CA ALA A 39 -11.93 -10.42 -13.07
C ALA A 39 -12.60 -11.47 -13.99
N ALA A 40 -12.96 -12.63 -13.45
CA ALA A 40 -13.68 -13.72 -14.09
C ALA A 40 -14.94 -13.81 -13.25
N GLY A 43 -15.32 -14.60 -9.86
CA GLY A 43 -14.30 -14.01 -8.94
C GLY A 43 -13.00 -13.63 -9.64
N PRO A 44 -12.06 -13.05 -8.90
CA PRO A 44 -10.70 -12.74 -9.42
C PRO A 44 -9.89 -14.03 -9.74
N THR A 45 -9.04 -14.00 -10.76
CA THR A 45 -8.07 -15.10 -10.94
C THR A 45 -6.80 -14.49 -11.52
N VAL A 46 -5.78 -15.27 -11.54
CA VAL A 46 -4.50 -14.91 -12.11
C VAL A 46 -4.17 -15.79 -13.23
N VAL A 47 -3.40 -15.22 -14.17
CA VAL A 47 -2.87 -15.93 -15.32
C VAL A 47 -1.44 -15.56 -15.47
N PHE A 48 -0.64 -16.57 -15.75
CA PHE A 48 0.82 -16.42 -15.91
C PHE A 48 1.19 -16.74 -17.35
N ASN A 49 1.95 -15.89 -17.97
CA ASN A 49 2.50 -16.16 -19.29
C ASN A 49 3.86 -15.50 -19.43
N ASP A 50 4.58 -15.93 -20.46
CA ASP A 50 5.94 -15.46 -20.68
C ASP A 50 6.04 -14.06 -21.28
N GLU A 51 4.91 -13.42 -21.55
CA GLU A 51 4.84 -12.01 -21.93
C GLU A 51 4.35 -11.09 -20.84
N ASP A 52 4.24 -11.61 -19.64
CA ASP A 52 3.88 -10.70 -18.55
C ASP A 52 4.98 -9.74 -18.24
N GLU A 53 4.65 -8.46 -18.20
CA GLU A 53 5.55 -7.37 -17.81
C GLU A 53 5.04 -6.55 -16.66
N GLY A 54 4.07 -7.08 -15.97
CA GLY A 54 3.51 -6.46 -14.79
C GLY A 54 3.29 -7.44 -13.67
N TYR A 55 2.65 -6.98 -12.61
CA TYR A 55 2.58 -7.69 -11.37
C TYR A 55 1.16 -7.81 -10.87
N ILE A 56 0.92 -8.86 -10.09
CA ILE A 56 -0.27 -9.08 -9.24
C ILE A 56 0.14 -8.72 -7.82
N TYR A 57 -0.65 -7.89 -7.18
CA TYR A 57 -0.44 -7.45 -5.81
C TYR A 57 -1.29 -8.28 -4.84
N GLY A 58 -0.78 -8.51 -3.65
CA GLY A 58 -1.50 -9.26 -2.69
C GLY A 58 -0.81 -9.26 -1.34
N GLU A 59 -1.10 -10.29 -0.54
CA GLU A 59 -0.68 -10.38 0.85
C GLU A 59 -0.17 -11.79 1.10
N VAL A 60 0.81 -11.92 2.03
CA VAL A 60 1.35 -13.23 2.37
C VAL A 60 0.95 -13.60 3.78
N TYR A 61 0.39 -14.80 3.94
CA TYR A 61 0.00 -15.36 5.22
C TYR A 61 0.73 -16.67 5.46
N GLU A 62 0.83 -17.03 6.75
CA GLU A 62 1.33 -18.33 7.11
C GLU A 62 0.13 -19.25 7.44
N ALA A 63 -0.13 -20.20 6.56
CA ALA A 63 -1.29 -21.07 6.59
C ALA A 63 -0.94 -22.45 7.09
N ASP A 64 -1.68 -22.94 8.09
CA ASP A 64 -1.47 -24.31 8.51
C ASP A 64 -2.12 -25.32 7.55
N GLU A 65 -1.91 -26.65 7.77
CA GLU A 65 -2.47 -27.66 6.90
C GLU A 65 -3.97 -27.62 6.85
N LEU A 66 -4.62 -27.41 8.00
CA LEU A 66 -6.06 -27.31 8.06
C LEU A 66 -6.55 -26.22 7.14
N CYS A 67 -5.91 -25.02 7.21
CA CYS A 67 -6.32 -23.90 6.37
C CYS A 67 -6.20 -24.25 4.91
N ILE A 68 -5.08 -24.83 4.53
CA ILE A 68 -4.93 -25.21 3.10
C ILE A 68 -5.97 -26.25 2.67
N HIS A 69 -6.27 -27.25 3.53
CA HIS A 69 -7.38 -28.13 3.18
C HIS A 69 -8.70 -27.41 2.98
N LYS A 70 -9.02 -26.47 3.90
CA LYS A 70 -10.24 -25.71 3.84
C LYS A 70 -10.32 -24.96 2.50
N LEU A 71 -9.22 -24.33 2.14
CA LEU A 71 -9.17 -23.61 0.86
C LEU A 71 -9.30 -24.52 -0.34
N ASP A 72 -8.58 -25.66 -0.35
CA ASP A 72 -8.75 -26.62 -1.36
C ASP A 72 -10.22 -27.02 -1.59
N GLN A 73 -10.91 -27.23 -0.49
CA GLN A 73 -12.30 -27.65 -0.56
C GLN A 73 -13.23 -26.52 -0.98
N PHE A 74 -12.99 -25.29 -0.54
CA PHE A 74 -13.85 -24.16 -0.87
C PHE A 74 -13.77 -23.80 -2.35
N PHE A 75 -12.52 -23.73 -2.83
CA PHE A 75 -12.22 -23.25 -4.18
C PHE A 75 -12.25 -24.35 -5.25
N GLN A 76 -13.44 -24.90 -5.41
CA GLN A 76 -13.62 -25.97 -6.42
C GLN A 76 -13.29 -25.44 -7.80
N GLY A 77 -12.62 -26.24 -8.62
CA GLY A 77 -12.20 -25.75 -9.93
C GLY A 77 -10.91 -24.91 -9.94
N TYR A 78 -10.36 -24.60 -8.78
CA TYR A 78 -9.06 -23.93 -8.74
C TYR A 78 -8.00 -24.96 -8.49
N HIS A 79 -6.83 -24.65 -9.00
CA HIS A 79 -5.58 -25.41 -8.80
C HIS A 79 -4.60 -24.47 -8.04
N LYS A 80 -3.50 -25.04 -7.59
CA LYS A 80 -2.53 -24.22 -6.96
C LYS A 80 -1.15 -24.59 -7.41
N GLN A 81 -0.24 -23.62 -7.19
CA GLN A 81 1.15 -23.81 -7.47
C GLN A 81 1.92 -22.91 -6.52
N THR A 82 3.22 -22.89 -6.56
CA THR A 82 3.99 -21.87 -5.86
C THR A 82 4.51 -20.83 -6.83
N VAL A 83 4.79 -19.64 -6.31
CA VAL A 83 5.40 -18.56 -7.01
C VAL A 83 6.44 -17.88 -6.11
N PHE A 84 7.38 -17.21 -6.72
CA PHE A 84 8.25 -16.28 -6.03
C PHE A 84 7.56 -14.95 -5.84
N VAL A 85 7.46 -14.55 -4.59
CA VAL A 85 6.77 -13.32 -4.18
C VAL A 85 7.79 -12.27 -3.69
N GLU A 86 7.71 -11.07 -4.26
CA GLU A 86 8.56 -9.96 -3.86
C GLU A 86 7.87 -9.22 -2.70
N THR A 87 8.59 -8.93 -1.66
CA THR A 87 8.14 -8.20 -0.48
C THR A 87 9.12 -7.14 -0.12
N ASP A 88 8.77 -6.30 0.85
CA ASP A 88 9.73 -5.25 1.25
C ASP A 88 10.95 -5.82 1.96
N VAL A 89 10.93 -7.09 2.38
CA VAL A 89 12.03 -7.70 3.05
C VAL A 89 12.52 -8.99 2.39
N GLY A 90 12.49 -8.99 1.13
CA GLY A 90 12.99 -10.07 0.38
C GLY A 90 11.99 -10.87 -0.40
N ILE A 91 12.54 -11.84 -1.11
CA ILE A 91 11.76 -12.72 -1.99
C ILE A 91 11.44 -13.96 -1.25
N LYS A 92 10.17 -14.41 -1.34
CA LYS A 92 9.61 -15.54 -0.59
CA LYS A 92 9.81 -15.64 -0.66
C LYS A 92 8.97 -16.50 -1.57
N ILE A 93 8.90 -17.78 -1.27
CA ILE A 93 8.15 -18.73 -2.09
C ILE A 93 6.82 -18.98 -1.37
N ALA A 94 5.71 -18.88 -2.10
CA ALA A 94 4.38 -19.04 -1.54
C ALA A 94 3.45 -19.75 -2.48
N LEU A 95 2.44 -20.41 -1.90
CA LEU A 95 1.37 -21.00 -2.64
C LEU A 95 0.47 -19.91 -3.20
N ILE A 96 -0.17 -20.23 -4.30
CA ILE A 96 -1.17 -19.32 -4.92
C ILE A 96 -2.22 -20.20 -5.59
N TYR A 97 -3.49 -19.81 -5.50
CA TYR A 97 -4.60 -20.49 -6.14
C TYR A 97 -4.93 -19.79 -7.43
N PHE A 98 -5.35 -20.57 -8.41
CA PHE A 98 -5.74 -20.00 -9.74
C PHE A 98 -6.79 -20.84 -10.38
N ASN A 100 -7.87 -21.84 -14.19
CA ASN A 100 -7.70 -21.69 -15.68
C ASN A 100 -8.96 -21.21 -16.39
N PHE A 107 -12.77 -13.44 -19.32
CA PHE A 107 -12.57 -12.52 -18.20
C PHE A 107 -11.87 -11.24 -18.65
N THR A 108 -11.71 -10.28 -17.75
CA THR A 108 -11.21 -8.99 -18.12
C THR A 108 -10.01 -8.64 -17.25
N LYS A 109 -8.96 -8.18 -17.89
CA LYS A 109 -7.74 -7.88 -17.15
C LYS A 109 -7.92 -6.62 -16.28
N ILE A 110 -7.31 -6.67 -15.07
CA ILE A 110 -7.22 -5.56 -14.13
CA ILE A 110 -7.20 -5.53 -14.15
C ILE A 110 -5.82 -4.97 -14.30
N SER A 111 -5.72 -3.81 -14.97
CA SER A 111 -4.43 -3.22 -15.29
C SER A 111 -3.49 -3.01 -14.13
N SER A 112 -4.07 -2.64 -12.99
CA SER A 112 -3.26 -2.35 -11.82
C SER A 112 -2.65 -3.59 -11.15
N GLY A 113 -3.19 -4.75 -11.49
CA GLY A 113 -2.83 -5.96 -10.84
C GLY A 113 -3.28 -6.06 -9.40
N ASP A 114 -4.17 -5.18 -8.96
CA ASP A 114 -4.50 -5.05 -7.55
C ASP A 114 -5.99 -5.03 -7.39
N TRP A 115 -6.52 -6.13 -6.79
CA TRP A 115 -7.95 -6.27 -6.66
C TRP A 115 -8.59 -5.19 -5.80
N LYS A 116 -7.94 -4.82 -4.71
CA LYS A 116 -8.49 -3.76 -3.88
C LYS A 116 -8.49 -2.42 -4.58
N GLU A 117 -7.45 -2.14 -5.34
CA GLU A 117 -7.43 -0.90 -6.10
C GLU A 117 -8.54 -0.95 -7.13
N HIS A 118 -8.79 -2.10 -7.74
CA HIS A 118 -9.84 -2.25 -8.73
C HIS A 118 -11.18 -2.01 -8.05
N GLN A 119 -11.40 -2.56 -6.87
CA GLN A 119 -12.70 -2.36 -6.17
C GLN A 119 -12.93 -0.90 -5.86
N ILE A 121 -11.73 1.83 -7.45
CA ILE A 121 -12.01 2.65 -8.61
CA ILE A 121 -11.97 2.60 -8.65
C ILE A 121 -13.29 2.19 -9.28
N SER A 122 -13.51 0.89 -9.50
CA SER A 122 -14.66 0.43 -10.26
C SER A 122 -15.98 0.66 -9.50
N LYS A 123 -15.94 0.74 -8.19
CA LYS A 123 -17.14 1.02 -7.39
C LYS A 123 -17.19 2.49 -6.96
N SER A 124 -16.29 3.33 -7.47
CA SER A 124 -16.27 4.74 -7.16
CA SER A 124 -16.20 4.74 -7.12
C SER A 124 -16.43 4.96 -5.64
N LYS A 125 -15.56 4.33 -4.88
CA LYS A 125 -15.69 4.36 -3.42
C LYS A 125 -15.65 5.80 -2.92
N ASN A 126 -16.61 6.11 -2.05
CA ASN A 126 -16.78 7.51 -1.62
C ASN A 126 -17.38 7.51 -0.21
N PRO A 127 -16.73 8.09 0.79
CA PRO A 127 -15.45 8.75 0.71
C PRO A 127 -14.29 7.76 0.63
N ILE A 128 -13.10 8.30 0.43
CA ILE A 128 -11.85 7.62 0.53
CA ILE A 128 -11.89 7.54 0.63
C ILE A 128 -11.16 8.10 1.85
N TYR A 129 -10.60 7.19 2.65
CA TYR A 129 -9.75 7.58 3.77
C TYR A 129 -8.32 7.42 3.24
N TYR A 130 -7.64 8.55 3.09
CA TYR A 130 -6.35 8.70 2.46
C TYR A 130 -5.30 9.00 3.52
N PHE A 131 -4.29 8.11 3.62
CA PHE A 131 -3.20 8.21 4.62
C PHE A 131 -1.94 8.81 3.97
N ALA A 132 -1.58 9.99 4.41
CA ALA A 132 -0.42 10.68 3.91
C ALA A 132 0.67 10.67 4.98
N TYR A 133 1.90 10.38 4.58
CA TYR A 133 3.03 10.26 5.48
C TYR A 133 4.20 11.15 5.10
N GLY A 134 4.09 11.88 4.02
CA GLY A 134 5.14 12.77 3.60
C GLY A 134 4.61 14.15 3.24
N SER A 135 5.02 14.66 2.04
CA SER A 135 4.66 16.04 1.68
C SER A 135 3.16 16.24 1.46
N CYS A 136 2.40 15.14 1.30
CA CYS A 136 0.94 15.30 1.28
C CYS A 136 0.36 15.60 2.67
N ASP A 138 1.41 18.35 4.07
CA ASP A 138 1.36 19.80 3.90
C ASP A 138 0.35 20.19 2.85
N ASN A 139 -0.05 21.42 2.85
CA ASN A 139 -1.10 21.88 1.95
C ASN A 139 -0.69 22.80 0.81
N ALA A 140 0.57 23.22 0.73
CA ALA A 140 0.88 24.25 -0.27
C ALA A 140 0.70 23.74 -1.70
N ARG A 141 1.11 22.52 -2.02
CA ARG A 141 0.94 21.96 -3.37
C ARG A 141 -0.56 21.76 -3.64
N PHE A 142 -1.32 21.30 -2.66
CA PHE A 142 -2.77 21.22 -2.85
C PHE A 142 -3.32 22.56 -3.26
N GLN A 143 -2.94 23.59 -2.52
CA GLN A 143 -3.48 24.95 -2.79
C GLN A 143 -3.10 25.38 -4.20
N LYS A 144 -1.86 25.17 -4.63
CA LYS A 144 -1.41 25.53 -6.00
C LYS A 144 -2.19 24.83 -7.09
N ALA A 145 -2.60 23.58 -6.83
CA ALA A 145 -3.32 22.79 -7.78
C ALA A 145 -4.83 23.07 -7.69
N GLY A 146 -5.30 23.88 -6.72
CA GLY A 146 -6.71 24.16 -6.59
C GLY A 146 -7.52 23.03 -6.02
N VAL A 147 -6.88 22.12 -5.30
CA VAL A 147 -7.54 20.99 -4.69
C VAL A 147 -7.59 20.97 -3.18
N ASP A 148 -7.08 22.00 -2.54
CA ASP A 148 -7.03 21.99 -1.06
C ASP A 148 -8.38 21.87 -0.42
N HIS A 149 -9.42 22.33 -1.10
CA HIS A 149 -10.77 22.14 -0.62
C HIS A 149 -11.14 20.70 -0.32
N TYR A 150 -10.45 19.74 -0.95
CA TYR A 150 -10.67 18.31 -0.71
C TYR A 150 -9.95 17.78 0.53
N PHE A 151 -8.96 18.56 1.04
CA PHE A 151 -7.99 18.10 2.02
C PHE A 151 -8.20 18.94 3.30
N GLN A 152 -9.43 19.38 3.53
CA GLN A 152 -9.80 20.20 4.71
C GLN A 152 -10.69 19.45 5.72
N ASP A 153 -10.74 18.12 5.56
CA ASP A 153 -11.49 17.28 6.54
C ASP A 153 -10.52 16.17 7.00
N PRO A 154 -9.43 16.56 7.65
CA PRO A 154 -8.53 15.57 8.24
C PRO A 154 -9.24 14.86 9.37
N VAL A 155 -9.09 13.55 9.38
CA VAL A 155 -9.44 12.78 10.53
C VAL A 155 -8.37 13.07 11.60
N GLY A 156 -7.12 13.25 11.17
CA GLY A 156 -6.01 13.66 12.02
C GLY A 156 -4.93 12.62 12.06
N ARG A 157 -4.12 12.77 13.10
CA ARG A 157 -2.96 11.95 13.29
CA ARG A 157 -2.96 11.96 13.29
C ARG A 157 -3.36 10.52 13.33
N ALA A 158 -2.60 9.69 12.64
CA ALA A 158 -2.85 8.32 12.59
C ALA A 158 -1.54 7.57 12.73
N VAL A 159 -1.62 6.47 13.44
CA VAL A 159 -0.49 5.64 13.72
C VAL A 159 -0.60 4.39 12.84
N LEU A 160 0.55 3.98 12.27
CA LEU A 160 0.64 2.78 11.43
C LEU A 160 1.72 1.88 11.98
N LYS A 161 1.32 0.73 12.51
CA LYS A 161 2.24 -0.27 13.05
CA LYS A 161 2.37 -0.15 13.05
C LYS A 161 2.81 -1.10 11.90
N GLY A 162 4.08 -1.38 11.93
CA GLY A 162 4.73 -2.28 11.03
C GLY A 162 5.55 -1.72 9.90
N TYR A 163 5.51 -0.39 9.79
CA TYR A 163 6.15 0.35 8.69
C TYR A 163 7.02 1.45 9.23
N THR A 164 8.06 1.78 8.51
CA THR A 164 8.91 2.94 8.72
C THR A 164 8.88 3.85 7.56
N THR A 165 8.81 5.15 7.83
CA THR A 165 8.92 6.15 6.76
C THR A 165 10.39 6.27 6.35
N ARG A 166 10.63 6.01 5.07
CA ARG A 166 11.99 5.98 4.53
C ARG A 166 12.05 6.62 3.18
N PHE A 167 13.22 7.07 2.75
CA PHE A 167 13.38 7.93 1.59
C PHE A 167 14.02 7.11 0.47
N THR A 168 13.17 6.28 -0.17
CA THR A 168 13.64 5.25 -1.06
C THR A 168 13.41 5.54 -2.54
N LEU A 169 12.73 6.62 -2.90
CA LEU A 169 12.54 6.98 -4.32
C LEU A 169 13.70 7.84 -4.71
N LYS A 170 14.50 7.39 -5.66
CA LYS A 170 15.65 8.21 -6.03
C LYS A 170 15.30 9.13 -7.21
N ARG A 171 15.58 10.40 -6.98
CA ARG A 171 15.46 11.41 -8.02
C ARG A 171 16.80 12.15 -8.10
N GLU A 172 16.90 12.96 -9.13
CA GLU A 172 18.17 13.64 -9.37
C GLU A 172 18.51 14.59 -8.24
N ASP A 173 17.51 15.23 -7.60
CA ASP A 173 17.75 16.23 -6.58
C ASP A 173 17.73 15.68 -5.16
N GLY A 174 17.67 14.37 -5.00
CA GLY A 174 17.47 13.78 -3.73
C GLY A 174 16.33 12.77 -3.74
N SER A 175 15.99 12.26 -2.60
CA SER A 175 14.98 11.24 -2.44
CA SER A 175 14.97 11.22 -2.60
C SER A 175 13.56 11.80 -2.24
N ARG A 176 12.57 10.94 -2.43
CA ARG A 176 11.21 11.17 -1.93
C ARG A 176 10.83 10.05 -0.96
N ALA A 177 9.80 10.29 -0.18
CA ALA A 177 9.36 9.42 0.88
C ALA A 177 8.64 8.16 0.41
N ASP A 178 8.57 7.25 1.32
CA ASP A 178 8.03 5.90 1.15
C ASP A 178 7.72 5.37 2.53
N LEU A 180 8.30 1.60 4.28
CA LEU A 180 8.82 0.24 4.13
C LEU A 180 8.22 -0.65 5.17
N GLU A 181 7.68 -1.82 4.79
CA GLU A 181 7.05 -2.74 5.75
C GLU A 181 8.15 -3.58 6.38
N ASP A 182 8.84 -2.99 7.35
CA ASP A 182 10.04 -3.53 7.95
C ASP A 182 9.93 -3.78 9.44
N GLY A 183 8.73 -3.62 9.99
CA GLY A 183 8.44 -3.90 11.40
C GLY A 183 8.59 -2.68 12.28
N GLY A 184 8.89 -1.52 11.73
CA GLY A 184 8.99 -0.28 12.51
C GLY A 184 7.57 0.22 12.84
N THR A 185 7.49 1.46 13.26
CA THR A 185 6.20 2.15 13.48
CA THR A 185 6.18 2.15 13.45
C THR A 185 6.34 3.54 12.94
N THR A 186 5.27 4.06 12.38
CA THR A 186 5.26 5.38 11.85
C THR A 186 3.96 6.13 12.06
N GLU A 187 3.93 7.41 11.66
CA GLU A 187 2.76 8.25 11.78
C GLU A 187 2.52 8.96 10.47
N GLY A 188 1.26 9.35 10.30
CA GLY A 188 0.88 10.21 9.19
C GLY A 188 -0.43 10.87 9.50
N VAL A 189 -1.01 11.50 8.51
CA VAL A 189 -2.31 12.22 8.62
C VAL A 189 -3.30 11.40 7.75
N LEU A 190 -4.45 11.11 8.32
CA LEU A 190 -5.54 10.50 7.59
C LEU A 190 -6.52 11.56 7.22
N TYR A 191 -6.82 11.68 5.93
CA TYR A 191 -7.82 12.60 5.41
C TYR A 191 -9.06 11.86 4.94
N ARG A 192 -10.24 12.43 5.15
CA ARG A 192 -11.48 11.96 4.51
C ARG A 192 -11.67 12.81 3.24
N ILE A 193 -11.59 12.16 2.09
CA ILE A 193 -11.66 12.86 0.80
C ILE A 193 -12.78 12.28 -0.08
N PRO A 194 -13.34 13.06 -0.98
CA PRO A 194 -14.25 12.52 -1.94
C PRO A 194 -13.49 11.69 -2.98
N TYR A 195 -14.19 10.73 -3.56
CA TYR A 195 -13.71 9.98 -4.71
C TYR A 195 -13.15 10.94 -5.81
N SER A 196 -13.77 12.08 -6.00
CA SER A 196 -13.40 12.98 -7.02
C SER A 196 -12.02 13.58 -6.82
N ALA A 197 -11.43 13.45 -5.64
CA ALA A 197 -10.03 13.89 -5.38
C ALA A 197 -9.02 12.86 -5.81
N LEU A 198 -9.42 11.64 -6.17
CA LEU A 198 -8.43 10.60 -6.37
C LEU A 198 -7.55 10.74 -7.57
N SER A 199 -8.09 11.17 -8.71
CA SER A 199 -7.23 11.24 -9.87
C SER A 199 -6.11 12.28 -9.72
N TYR A 200 -6.36 13.35 -8.95
CA TYR A 200 -5.29 14.31 -8.62
C TYR A 200 -4.17 13.54 -7.92
N LEU A 201 -4.51 12.70 -6.96
CA LEU A 201 -3.47 11.95 -6.24
C LEU A 201 -2.74 10.99 -7.14
N TYR A 202 -3.48 10.30 -8.03
CA TYR A 202 -2.84 9.39 -8.96
C TYR A 202 -1.82 10.09 -9.83
N LYS A 203 -2.12 11.32 -10.24
CA LYS A 203 -1.15 12.10 -11.04
C LYS A 203 0.00 12.54 -10.20
N ARG A 204 -0.27 13.11 -9.03
CA ARG A 204 0.81 13.57 -8.16
C ARG A 204 1.81 12.47 -7.81
N GLU A 205 1.29 11.27 -7.65
CA GLU A 205 2.08 10.10 -7.27
C GLU A 205 2.59 9.31 -8.44
N GLY A 206 2.40 9.76 -9.68
CA GLY A 206 3.00 9.10 -10.79
C GLY A 206 2.57 7.65 -10.96
N VAL A 207 1.30 7.36 -10.70
CA VAL A 207 0.81 6.01 -10.82
C VAL A 207 0.97 5.46 -12.23
N GLU A 208 0.63 6.28 -13.21
CA GLU A 208 0.71 5.81 -14.58
C GLU A 208 2.13 5.57 -15.07
N SER A 209 3.09 6.26 -14.51
CA SER A 209 4.47 6.00 -14.83
C SER A 209 5.18 5.04 -13.93
N LEU A 210 4.44 4.37 -13.08
CA LEU A 210 4.99 3.33 -12.20
C LEU A 210 6.01 3.94 -11.24
N THR A 211 5.70 5.12 -10.71
CA THR A 211 6.53 5.81 -9.69
C THR A 211 6.13 5.23 -8.33
N TYR A 212 4.88 5.46 -7.92
CA TYR A 212 4.26 4.88 -6.76
C TYR A 212 3.13 4.01 -7.24
N ARG A 213 2.72 3.08 -6.39
CA ARG A 213 1.45 2.36 -6.58
C ARG A 213 0.47 2.71 -5.47
N PRO A 214 -0.84 2.69 -5.77
CA PRO A 214 -1.83 2.70 -4.72
C PRO A 214 -1.65 1.46 -3.85
N ALA A 215 -1.90 1.61 -2.56
CA ALA A 215 -1.78 0.55 -1.60
C ALA A 215 -2.75 0.79 -0.49
N PHE A 216 -2.91 -0.17 0.39
CA PHE A 216 -3.95 -0.12 1.44
C PHE A 216 -3.33 -0.48 2.79
N VAL A 217 -3.71 0.26 3.80
CA VAL A 217 -3.28 0.07 5.16
C VAL A 217 -4.43 0.32 6.08
N ASP A 218 -4.34 -0.30 7.25
CA ASP A 218 -5.32 -0.10 8.37
C ASP A 218 -4.62 0.76 9.41
N VAL A 219 -5.26 1.85 9.89
CA VAL A 219 -4.61 2.77 10.80
C VAL A 219 -5.50 3.11 11.94
N GLU A 220 -4.85 3.65 13.02
CA GLU A 220 -5.55 4.09 14.17
C GLU A 220 -5.53 5.59 14.24
N ALA A 221 -6.69 6.20 14.35
CA ALA A 221 -6.76 7.68 14.41
C ALA A 221 -7.93 7.99 15.35
N GLY A 222 -7.64 8.73 16.44
CA GLY A 222 -8.68 9.23 17.34
C GLY A 222 -9.34 8.11 18.10
N GLY A 223 -8.54 7.13 18.46
CA GLY A 223 -9.01 5.94 19.16
C GLY A 223 -9.86 4.98 18.35
N ARG A 224 -9.89 5.19 17.05
CA ARG A 224 -10.76 4.46 16.17
C ARG A 224 -9.89 3.84 15.09
N HIS A 225 -10.39 2.74 14.57
CA HIS A 225 -9.72 1.96 13.62
C HIS A 225 -10.31 2.21 12.25
N TYR A 226 -9.47 2.50 11.27
CA TYR A 226 -9.92 2.71 9.90
C TYR A 226 -9.30 1.66 8.98
N LYS A 227 -10.14 0.99 8.23
CA LYS A 227 -9.71 -0.20 7.40
C LYS A 227 -9.59 0.19 5.92
N ASP A 228 -8.58 -0.37 5.26
CA ASP A 228 -8.45 -0.20 3.82
C ASP A 228 -8.28 1.25 3.45
N CYS A 229 -7.47 1.99 4.23
CA CYS A 229 -7.13 3.36 3.91
C CYS A 229 -6.17 3.34 2.71
N LEU A 230 -6.38 4.23 1.75
CA LEU A 230 -5.48 4.37 0.61
C LEU A 230 -4.21 5.08 1.02
N THR A 231 -3.07 4.55 0.55
CA THR A 231 -1.81 5.25 0.58
C THR A 231 -1.06 4.95 -0.71
N PHE A 232 0.16 5.50 -0.84
CA PHE A 232 0.94 5.26 -2.03
C PHE A 232 2.31 4.83 -1.61
N LEU A 233 2.84 3.80 -2.29
CA LEU A 233 4.19 3.20 -1.91
C LEU A 233 5.09 3.16 -3.14
N VAL A 234 6.38 3.39 -2.91
CA VAL A 234 7.34 3.40 -3.99
C VAL A 234 7.47 2.03 -4.63
N LEU A 235 7.54 2.03 -5.97
CA LEU A 235 7.74 0.80 -6.72
C LEU A 235 9.16 0.36 -6.90
N GLN A 236 10.06 1.25 -7.19
CA GLN A 236 11.48 0.86 -7.30
C GLN A 236 12.25 1.49 -6.13
N LYS A 237 12.44 0.71 -5.08
CA LYS A 237 12.99 1.24 -3.84
C LYS A 237 14.54 1.20 -3.97
N GLU A 238 15.18 2.26 -3.54
CA GLU A 238 16.61 2.33 -3.52
C GLU A 238 17.09 2.63 -2.09
N ALA A 239 18.40 2.46 -1.82
CA ALA A 239 18.96 2.88 -0.54
C ALA A 239 18.65 4.35 -0.29
N GLU A 240 18.44 4.67 0.98
CA GLU A 240 17.98 5.99 1.34
C GLU A 240 19.06 7.04 1.12
N ILE A 241 18.67 8.16 0.55
CA ILE A 241 19.44 9.35 0.46
C ILE A 241 18.60 10.53 0.95
N ALA A 242 19.22 11.64 1.25
CA ALA A 242 18.50 12.77 1.78
C ALA A 242 17.51 13.38 0.78
N PRO A 243 16.37 13.85 1.30
CA PRO A 243 15.44 14.56 0.45
C PRO A 243 15.97 15.98 0.11
N PRO A 244 15.51 16.55 -1.00
CA PRO A 244 15.92 17.93 -1.28
C PRO A 244 15.23 18.86 -0.27
N GLN A 245 15.79 20.07 -0.10
CA GLN A 245 15.38 20.93 0.97
C GLN A 245 13.94 21.41 0.90
N HIS A 246 13.50 21.79 -0.26
CA HIS A 246 12.17 22.34 -0.50
C HIS A 246 11.13 21.30 -0.04
N TYR A 247 11.31 20.07 -0.55
CA TYR A 247 10.47 18.89 -0.21
C TYR A 247 10.55 18.55 1.28
N GLN A 248 11.76 18.55 1.87
CA GLN A 248 11.88 18.29 3.27
C GLN A 248 11.12 19.30 4.10
N ILE A 249 11.15 20.56 3.66
CA ILE A 249 10.40 21.55 4.42
C ILE A 249 8.90 21.28 4.41
N GLU A 250 8.35 20.80 3.29
CA GLU A 250 6.91 20.44 3.24
C GLU A 250 6.60 19.37 4.27
N ILE A 251 7.46 18.34 4.34
CA ILE A 251 7.25 17.27 5.30
C ILE A 251 7.28 17.79 6.72
N GLU A 252 8.24 18.65 6.97
CA GLU A 252 8.38 19.19 8.30
C GLU A 252 7.19 20.00 8.71
N ARG A 253 6.64 20.83 7.82
CA ARG A 253 5.49 21.65 8.17
C ARG A 253 4.29 20.77 8.47
N GLY A 254 4.09 19.73 7.61
CA GLY A 254 2.93 18.84 7.83
C GLY A 254 3.10 18.04 9.10
N ALA A 255 4.31 17.58 9.40
CA ALA A 255 4.51 16.80 10.63
C ALA A 255 4.32 17.67 11.87
N GLU A 256 4.81 18.88 11.83
CA GLU A 256 4.64 19.83 12.93
C GLU A 256 3.17 20.10 13.17
N LEU A 257 2.38 20.17 12.08
CA LEU A 257 0.96 20.46 12.27
C LEU A 257 0.20 19.29 12.88
N TYR A 258 0.50 18.07 12.44
CA TYR A 258 -0.35 16.95 12.77
C TYR A 258 0.22 15.90 13.71
N LEU A 259 1.52 15.66 13.70
CA LEU A 259 2.08 14.43 14.29
C LEU A 259 2.59 14.65 15.72
N SER A 260 2.92 13.60 16.40
CA SER A 260 3.43 13.76 17.76
C SER A 260 4.80 14.47 17.70
N PRO A 261 5.11 15.33 18.67
CA PRO A 261 6.43 15.93 18.75
C PRO A 261 7.57 14.88 18.74
N GLU A 262 7.42 13.74 19.42
CA GLU A 262 8.52 12.77 19.52
C GLU A 262 8.72 12.18 18.12
N PHE A 263 7.63 11.93 17.42
CA PHE A 263 7.80 11.35 16.07
C PHE A 263 8.36 12.33 15.12
N THR A 264 7.91 13.58 15.17
CA THR A 264 8.41 14.60 14.29
C THR A 264 9.86 14.83 14.48
N GLU A 265 10.31 14.79 15.75
CA GLU A 265 11.73 14.94 16.00
C GLU A 265 12.55 13.81 15.44
N LYS A 266 12.10 12.58 15.61
CA LYS A 266 12.73 11.42 15.02
C LYS A 266 12.81 11.49 13.51
N LEU A 267 11.73 11.90 12.87
CA LEU A 267 11.66 11.98 11.42
C LEU A 267 12.66 13.04 10.89
N LYS A 268 12.67 14.21 11.54
CA LYS A 268 13.62 15.24 11.19
C LYS A 268 15.04 14.70 11.36
N ARG A 269 15.35 14.05 12.49
CA ARG A 269 16.70 13.60 12.67
C ARG A 269 17.07 12.57 11.59
N HIS A 270 16.11 11.69 11.20
CA HIS A 270 16.37 10.72 10.17
C HIS A 270 16.67 11.40 8.86
N ASN A 272 17.74 14.36 8.26
CA ASN A 272 18.98 15.15 8.35
C ASN A 272 20.22 14.26 8.45
N SER A 273 20.08 12.98 8.76
CA SER A 273 21.18 12.04 8.97
C SER A 273 21.57 11.38 7.65
N LEU A 274 20.69 11.43 6.66
CA LEU A 274 20.94 10.72 5.43
C LEU A 274 22.04 11.35 4.59
N PRO A 275 22.77 10.52 3.84
CA PRO A 275 23.78 11.05 2.93
C PRO A 275 23.11 11.74 1.77
N LYS A 276 23.77 12.71 1.19
CA LYS A 276 23.25 13.36 0.02
C LYS A 276 23.41 12.40 -1.14
N GLY A 277 22.50 12.51 -2.10
CA GLY A 277 22.80 11.99 -3.40
C GLY A 277 24.04 12.71 -3.91
#